data_8QVB
#
_entry.id   8QVB
#
_cell.length_a   51.557
_cell.length_b   52.755
_cell.length_c   54.952
_cell.angle_alpha   107.21
_cell.angle_beta   99.03
_cell.angle_gamma   109.31
#
_symmetry.space_group_name_H-M   'P 1'
#
loop_
_entity.id
_entity.type
_entity.pdbx_description
1 polymer 'Chlorite Dismutase'
2 non-polymer 'PROTOPORPHYRIN IX CONTAINING FE'
3 non-polymer 'SULFATE ION'
4 non-polymer GLYCEROL
5 non-polymer 'CHLORIDE ION'
6 water water
#
_entity_poly.entity_id   1
_entity_poly.type   'polypeptide(L)'
_entity_poly.pdbx_seq_one_letter_code
;GPGYQDPNNRYSFIGGRTGQWQVVKIRNVLGPGLQLVEKVNILNGAVAEIPLDSAWRLQGFASNIRYAIRTELEALQAVQ
PMLNRAEAILAVLIPIKKSAQWWEMAQDERRDIFERESHHTAVGLEYLPGVARRLLHCRDLGEEFDFLTWFEFAPEHSSA
FNELLLRMRASKEWEYVEREVEVWLKRL
;
_entity_poly.pdbx_strand_id   A,B
#
loop_
_chem_comp.id
_chem_comp.type
_chem_comp.name
_chem_comp.formula
CL non-polymer 'CHLORIDE ION' 'Cl -1'
GOL non-polymer GLYCEROL 'C3 H8 O3'
HEM non-polymer 'PROTOPORPHYRIN IX CONTAINING FE' 'C34 H32 Fe N4 O4'
SO4 non-polymer 'SULFATE ION' 'O4 S -2'
#
# COMPACT_ATOMS: atom_id res chain seq x y z
N ASN A 8 -9.35 10.35 7.96
CA ASN A 8 -8.81 9.01 8.29
C ASN A 8 -9.03 8.11 7.08
N ASN A 9 -7.95 7.46 6.63
CA ASN A 9 -8.00 6.60 5.47
C ASN A 9 -8.54 5.21 5.84
N ARG A 10 -8.60 4.87 7.14
CA ARG A 10 -8.93 3.52 7.58
C ARG A 10 -10.44 3.37 7.74
N TYR A 11 -11.00 2.29 7.15
CA TYR A 11 -12.40 1.94 7.32
C TYR A 11 -12.55 0.53 7.88
N SER A 12 -13.51 0.36 8.82
CA SER A 12 -13.81 -0.92 9.44
C SER A 12 -15.25 -1.33 9.15
N PHE A 13 -15.45 -2.64 8.97
CA PHE A 13 -16.74 -3.27 8.70
C PHE A 13 -16.94 -4.42 9.68
N ILE A 14 -17.88 -4.27 10.62
CA ILE A 14 -18.18 -5.32 11.59
C ILE A 14 -19.54 -5.95 11.27
N GLY A 15 -19.53 -7.29 11.10
CA GLY A 15 -20.76 -8.05 11.04
C GLY A 15 -21.24 -8.49 12.43
N GLY A 16 -22.52 -8.21 12.70
CA GLY A 16 -23.15 -8.62 13.93
C GLY A 16 -24.59 -8.10 13.96
N ARG A 17 -25.02 -7.59 15.12
CA ARG A 17 -26.42 -7.32 15.30
C ARG A 17 -26.75 -5.83 15.18
N THR A 18 -25.75 -4.95 15.08
CA THR A 18 -26.04 -3.53 14.85
C THR A 18 -25.29 -3.01 13.63
N GLY A 19 -25.70 -1.82 13.17
CA GLY A 19 -25.10 -1.15 12.03
C GLY A 19 -26.11 -0.35 11.21
N GLN A 20 -25.60 0.39 10.23
CA GLN A 20 -26.37 1.19 9.29
C GLN A 20 -26.84 0.32 8.12
N TRP A 21 -26.28 -0.89 7.96
CA TRP A 21 -26.71 -1.73 6.85
C TRP A 21 -27.29 -3.09 7.31
N GLN A 22 -28.32 -3.52 6.59
CA GLN A 22 -28.95 -4.82 6.78
C GLN A 22 -28.41 -5.81 5.76
N VAL A 23 -27.98 -6.98 6.25
CA VAL A 23 -27.53 -8.03 5.38
C VAL A 23 -28.72 -8.68 4.68
N VAL A 24 -28.71 -8.68 3.35
CA VAL A 24 -29.76 -9.26 2.53
C VAL A 24 -29.39 -10.72 2.28
N LYS A 25 -28.14 -10.97 1.88
CA LYS A 25 -27.60 -12.31 1.81
C LYS A 25 -26.08 -12.25 1.77
N ILE A 26 -25.46 -13.39 2.07
CA ILE A 26 -24.03 -13.60 1.90
C ILE A 26 -23.83 -14.78 0.96
N ARG A 27 -23.02 -14.57 -0.09
CA ARG A 27 -22.66 -15.62 -1.01
C ARG A 27 -21.17 -15.88 -0.89
N ASN A 28 -20.84 -17.11 -0.48
CA ASN A 28 -19.46 -17.53 -0.30
C ASN A 28 -18.93 -18.11 -1.61
N VAL A 29 -18.52 -17.21 -2.52
CA VAL A 29 -18.21 -17.48 -3.90
C VAL A 29 -17.00 -18.40 -4.00
N LEU A 30 -15.90 -18.07 -3.31
CA LEU A 30 -14.66 -18.81 -3.45
C LEU A 30 -13.91 -18.79 -2.13
N GLY A 31 -13.46 -19.98 -1.72
CA GLY A 31 -12.73 -20.17 -0.47
C GLY A 31 -13.60 -20.08 0.77
N PRO A 32 -13.00 -20.06 1.98
CA PRO A 32 -13.75 -19.98 3.24
C PRO A 32 -14.59 -18.72 3.31
N GLY A 33 -15.86 -18.85 3.69
CA GLY A 33 -16.81 -17.74 3.59
C GLY A 33 -16.78 -16.84 4.81
N LEU A 34 -17.82 -16.00 4.95
CA LEU A 34 -18.06 -15.27 6.18
C LEU A 34 -19.40 -15.69 6.79
N GLN A 35 -19.43 -15.77 8.13
CA GLN A 35 -20.61 -16.14 8.91
C GLN A 35 -21.72 -15.15 8.57
N LEU A 36 -22.94 -15.67 8.36
CA LEU A 36 -24.08 -14.83 8.12
C LEU A 36 -24.40 -14.08 9.42
N VAL A 37 -24.83 -12.81 9.29
CA VAL A 37 -25.11 -11.91 10.40
C VAL A 37 -26.30 -11.06 9.98
N GLU A 38 -26.80 -10.21 10.87
CA GLU A 38 -28.01 -9.45 10.58
C GLU A 38 -27.65 -8.12 9.92
N LYS A 39 -26.51 -7.55 10.33
CA LYS A 39 -26.17 -6.18 10.00
C LYS A 39 -24.67 -6.00 9.93
N VAL A 40 -24.26 -4.95 9.21
CA VAL A 40 -22.88 -4.54 9.14
C VAL A 40 -22.78 -3.10 9.62
N ASN A 41 -21.92 -2.86 10.61
CA ASN A 41 -21.62 -1.53 11.11
C ASN A 41 -20.34 -1.05 10.42
N ILE A 42 -20.37 0.17 9.85
CA ILE A 42 -19.24 0.71 9.09
C ILE A 42 -18.69 1.93 9.80
N LEU A 43 -17.41 1.89 10.15
CA LEU A 43 -16.78 2.93 10.95
C LEU A 43 -15.59 3.48 10.18
N ASN A 44 -15.38 4.80 10.27
CA ASN A 44 -14.20 5.43 9.69
C ASN A 44 -13.12 5.57 10.76
N GLY A 45 -12.55 4.45 11.16
CA GLY A 45 -11.36 4.39 11.99
C GLY A 45 -10.99 2.92 12.24
N ALA A 46 -9.86 2.67 12.90
CA ALA A 46 -9.54 1.31 13.32
C ALA A 46 -10.51 0.93 14.44
N VAL A 47 -10.65 -0.39 14.65
CA VAL A 47 -11.38 -0.92 15.78
C VAL A 47 -10.56 -2.10 16.29
N ALA A 48 -9.89 -1.91 17.43
CA ALA A 48 -9.16 -2.98 18.11
C ALA A 48 -10.12 -3.78 19.00
N GLU A 49 -11.13 -3.09 19.55
CA GLU A 49 -12.03 -3.64 20.55
C GLU A 49 -13.19 -4.40 19.88
N ILE A 50 -12.96 -5.70 19.65
CA ILE A 50 -13.87 -6.60 18.97
C ILE A 50 -15.29 -6.42 19.53
N PRO A 51 -16.23 -5.73 18.83
CA PRO A 51 -17.52 -5.37 19.43
C PRO A 51 -18.34 -6.58 19.87
N LEU A 52 -19.32 -6.32 20.74
CA LEU A 52 -20.04 -7.38 21.43
C LEU A 52 -21.11 -7.96 20.51
N ASP A 53 -21.16 -9.29 20.40
CA ASP A 53 -22.17 -9.97 19.57
C ASP A 53 -21.84 -9.80 18.08
N SER A 54 -20.54 -9.77 17.76
CA SER A 54 -20.06 -9.50 16.42
C SER A 54 -19.32 -10.72 15.93
N ALA A 55 -19.61 -11.17 14.71
CA ALA A 55 -19.05 -12.39 14.18
C ALA A 55 -17.67 -12.15 13.57
N TRP A 56 -17.51 -11.03 12.86
CA TRP A 56 -16.27 -10.76 12.13
C TRP A 56 -16.06 -9.26 11.97
N ARG A 57 -14.79 -8.92 11.73
CA ARG A 57 -14.37 -7.56 11.47
C ARG A 57 -13.46 -7.54 10.24
N LEU A 58 -13.79 -6.74 9.23
CA LEU A 58 -12.88 -6.50 8.13
C LEU A 58 -12.41 -5.06 8.20
N GLN A 59 -11.17 -4.77 7.83
CA GLN A 59 -10.74 -3.38 7.75
C GLN A 59 -9.79 -3.17 6.58
N GLY A 60 -9.67 -1.91 6.19
CA GLY A 60 -8.82 -1.52 5.09
C GLY A 60 -8.60 -0.02 5.05
N PHE A 61 -7.62 0.40 4.24
CA PHE A 61 -7.32 1.80 4.06
C PHE A 61 -7.52 2.17 2.59
N ALA A 62 -7.93 3.42 2.38
CA ALA A 62 -7.91 4.08 1.08
C ALA A 62 -6.47 4.48 0.76
N SER A 63 -6.05 4.32 -0.49
CA SER A 63 -4.66 4.55 -0.88
C SER A 63 -4.59 5.20 -2.26
N ASN A 64 -3.37 5.48 -2.69
CA ASN A 64 -3.09 6.02 -3.99
C ASN A 64 -3.37 5.00 -5.10
N ILE A 65 -3.48 5.53 -6.32
CA ILE A 65 -3.74 4.76 -7.52
C ILE A 65 -2.55 3.84 -7.80
N ARG A 66 -2.81 2.58 -8.12
CA ARG A 66 -1.77 1.60 -8.42
C ARG A 66 -1.66 1.24 -9.92
N TYR A 67 -2.73 1.36 -10.73
CA TYR A 67 -2.69 0.85 -12.11
C TYR A 67 -3.21 1.87 -13.15
N ALA A 68 -4.29 2.60 -12.81
CA ALA A 68 -4.90 3.54 -13.73
C ALA A 68 -3.94 4.59 -14.26
N ILE A 69 -3.99 4.85 -15.57
CA ILE A 69 -3.25 5.94 -16.18
C ILE A 69 -4.15 7.19 -16.26
N ARG A 70 -3.52 8.33 -16.56
CA ARG A 70 -4.18 9.63 -16.58
C ARG A 70 -5.43 9.63 -17.46
N THR A 71 -5.39 9.06 -18.67
CA THR A 71 -6.56 9.08 -19.54
C THR A 71 -7.71 8.29 -18.92
N GLU A 72 -7.38 7.18 -18.27
CA GLU A 72 -8.36 6.34 -17.59
C GLU A 72 -8.94 7.13 -16.43
N LEU A 73 -8.10 7.82 -15.64
CA LEU A 73 -8.57 8.59 -14.50
C LEU A 73 -9.55 9.65 -14.97
N GLU A 74 -9.28 10.20 -16.14
CA GLU A 74 -10.10 11.28 -16.67
C GLU A 74 -11.47 10.74 -17.06
N ALA A 75 -11.51 9.57 -17.69
CA ALA A 75 -12.78 8.96 -18.05
C ALA A 75 -13.57 8.64 -16.79
N LEU A 76 -12.92 8.06 -15.80
CA LEU A 76 -13.59 7.73 -14.56
C LEU A 76 -14.21 8.98 -13.94
N GLN A 77 -13.48 10.09 -13.92
CA GLN A 77 -13.94 11.29 -13.23
C GLN A 77 -15.11 11.95 -13.97
N ALA A 78 -15.20 11.72 -15.28
CA ALA A 78 -16.26 12.30 -16.07
C ALA A 78 -17.62 11.78 -15.58
N VAL A 79 -17.68 10.52 -15.09
CA VAL A 79 -18.96 9.81 -14.98
C VAL A 79 -19.20 9.25 -13.59
N GLN A 80 -18.16 8.97 -12.82
CA GLN A 80 -18.37 8.18 -11.61
C GLN A 80 -19.22 8.97 -10.62
N PRO A 81 -20.24 8.32 -10.03
CA PRO A 81 -21.09 8.98 -9.04
C PRO A 81 -20.42 9.07 -7.68
N MET A 82 -20.87 10.06 -6.89
CA MET A 82 -20.53 10.14 -5.48
C MET A 82 -21.19 9.00 -4.70
N LEU A 83 -20.65 8.75 -3.50
CA LEU A 83 -21.27 7.86 -2.55
C LEU A 83 -22.45 8.56 -1.88
N ASN A 84 -23.38 7.77 -1.33
N ASN A 84 -23.37 7.73 -1.37
CA ASN A 84 -24.41 8.25 -0.43
CA ASN A 84 -24.43 8.17 -0.48
C ASN A 84 -25.52 8.99 -1.19
C ASN A 84 -25.43 9.05 -1.22
N ARG A 85 -25.67 8.73 -2.49
CA ARG A 85 -26.82 9.24 -3.21
C ARG A 85 -28.09 8.69 -2.56
N ALA A 86 -29.15 9.49 -2.56
CA ALA A 86 -30.41 9.15 -1.92
C ALA A 86 -30.93 7.82 -2.44
N GLU A 87 -30.79 7.57 -3.74
CA GLU A 87 -31.43 6.39 -4.32
C GLU A 87 -30.55 5.14 -4.21
N ALA A 88 -29.27 5.27 -3.83
CA ALA A 88 -28.38 4.13 -3.71
C ALA A 88 -28.61 3.35 -2.41
N ILE A 89 -29.75 2.63 -2.35
CA ILE A 89 -30.21 1.94 -1.14
C ILE A 89 -29.67 0.51 -1.08
N LEU A 90 -29.11 -0.01 -2.18
CA LEU A 90 -28.48 -1.32 -2.17
C LEU A 90 -26.96 -1.20 -2.21
N ALA A 91 -26.28 -2.09 -1.48
CA ALA A 91 -24.83 -2.09 -1.49
C ALA A 91 -24.30 -3.52 -1.48
N VAL A 92 -23.10 -3.70 -2.02
CA VAL A 92 -22.42 -4.98 -1.95
C VAL A 92 -21.00 -4.74 -1.46
N LEU A 93 -20.58 -5.52 -0.46
CA LEU A 93 -19.21 -5.48 0.02
C LEU A 93 -18.55 -6.79 -0.42
N ILE A 94 -17.45 -6.69 -1.18
CA ILE A 94 -16.84 -7.88 -1.77
C ILE A 94 -15.37 -7.92 -1.41
N PRO A 95 -14.99 -8.66 -0.35
CA PRO A 95 -13.59 -8.97 -0.05
C PRO A 95 -12.99 -9.94 -1.06
N ILE A 96 -11.72 -9.68 -1.43
CA ILE A 96 -11.00 -10.42 -2.43
C ILE A 96 -9.58 -10.66 -1.93
N LYS A 97 -9.10 -11.89 -2.16
CA LYS A 97 -7.71 -12.22 -1.97
C LYS A 97 -7.16 -12.72 -3.31
N LYS A 98 -5.96 -12.24 -3.68
CA LYS A 98 -5.26 -12.72 -4.86
C LYS A 98 -4.12 -13.65 -4.44
N SER A 99 -3.57 -14.43 -5.38
CA SER A 99 -2.57 -15.45 -5.08
C SER A 99 -1.16 -14.86 -4.87
N ALA A 100 -0.32 -15.62 -4.16
CA ALA A 100 1.10 -15.33 -4.03
C ALA A 100 1.71 -15.10 -5.40
N GLN A 101 1.27 -15.88 -6.39
CA GLN A 101 1.84 -15.81 -7.72
C GLN A 101 1.52 -14.45 -8.36
N TRP A 102 0.34 -13.89 -8.05
CA TRP A 102 0.00 -12.54 -8.45
C TRP A 102 0.95 -11.55 -7.79
N TRP A 103 1.12 -11.65 -6.46
CA TRP A 103 1.86 -10.63 -5.74
C TRP A 103 3.35 -10.62 -6.07
N GLU A 104 3.92 -11.75 -6.53
CA GLU A 104 5.35 -11.80 -6.81
C GLU A 104 5.62 -11.29 -8.23
N MET A 105 4.59 -11.06 -9.03
CA MET A 105 4.80 -10.53 -10.37
C MET A 105 5.20 -9.06 -10.30
N ALA A 106 5.84 -8.61 -11.37
CA ALA A 106 6.33 -7.24 -11.45
C ALA A 106 5.19 -6.31 -11.83
N GLN A 107 5.50 -5.02 -11.93
CA GLN A 107 4.46 -4.01 -12.08
C GLN A 107 3.91 -3.98 -13.52
N ASP A 108 4.77 -4.15 -14.54
CA ASP A 108 4.32 -4.28 -15.93
C ASP A 108 3.43 -5.52 -16.11
N GLU A 109 3.79 -6.66 -15.50
CA GLU A 109 3.06 -7.91 -15.65
C GLU A 109 1.64 -7.77 -15.09
N ARG A 110 1.50 -7.20 -13.88
CA ARG A 110 0.20 -7.05 -13.27
C ARG A 110 -0.62 -6.01 -14.05
N ARG A 111 0.02 -4.91 -14.46
CA ARG A 111 -0.70 -3.93 -15.24
C ARG A 111 -1.32 -4.57 -16.48
N ASP A 112 -0.58 -5.49 -17.11
CA ASP A 112 -0.97 -6.03 -18.40
C ASP A 112 -2.16 -6.98 -18.24
N ILE A 113 -2.12 -7.80 -17.19
CA ILE A 113 -3.21 -8.72 -16.90
C ILE A 113 -4.45 -7.93 -16.51
N PHE A 114 -4.26 -6.82 -15.78
CA PHE A 114 -5.36 -6.03 -15.23
C PHE A 114 -6.11 -5.29 -16.35
N GLU A 115 -5.39 -4.66 -17.29
CA GLU A 115 -6.05 -3.84 -18.31
C GLU A 115 -5.91 -4.44 -19.71
N ARG A 116 -4.69 -4.79 -20.12
CA ARG A 116 -4.46 -5.23 -21.49
C ARG A 116 -5.29 -6.48 -21.77
N GLU A 117 -5.20 -7.49 -20.91
CA GLU A 117 -5.93 -8.75 -21.09
C GLU A 117 -7.34 -8.72 -20.51
N SER A 118 -7.55 -8.06 -19.36
CA SER A 118 -8.83 -8.16 -18.65
C SER A 118 -9.75 -6.97 -18.91
N HIS A 119 -9.22 -5.81 -19.28
CA HIS A 119 -10.05 -4.64 -19.56
C HIS A 119 -10.86 -4.24 -18.33
N HIS A 120 -10.27 -4.35 -17.13
CA HIS A 120 -10.97 -4.09 -15.88
C HIS A 120 -11.66 -2.73 -15.91
N THR A 121 -10.94 -1.68 -16.32
CA THR A 121 -11.47 -0.33 -16.26
C THR A 121 -12.48 -0.10 -17.39
N ALA A 122 -12.14 -0.50 -18.60
CA ALA A 122 -13.04 -0.34 -19.73
C ALA A 122 -14.36 -1.07 -19.46
N VAL A 123 -14.26 -2.28 -18.87
CA VAL A 123 -15.46 -3.06 -18.59
C VAL A 123 -16.29 -2.39 -17.50
N GLY A 124 -15.63 -1.96 -16.42
CA GLY A 124 -16.29 -1.34 -15.28
C GLY A 124 -16.97 -0.02 -15.63
N LEU A 125 -16.35 0.75 -16.53
CA LEU A 125 -16.90 2.00 -17.05
C LEU A 125 -18.27 1.84 -17.71
N GLU A 126 -18.55 0.66 -18.26
CA GLU A 126 -19.86 0.46 -18.87
C GLU A 126 -20.97 0.44 -17.82
N TYR A 127 -20.65 0.35 -16.51
CA TYR A 127 -21.66 0.21 -15.46
C TYR A 127 -21.77 1.51 -14.65
N LEU A 128 -21.13 2.57 -15.13
CA LEU A 128 -21.20 3.89 -14.52
C LEU A 128 -22.12 4.76 -15.37
N PRO A 129 -22.93 5.71 -14.80
CA PRO A 129 -22.95 6.04 -13.37
C PRO A 129 -23.91 5.28 -12.43
N GLY A 130 -24.65 4.29 -12.95
CA GLY A 130 -25.46 3.46 -12.07
C GLY A 130 -24.74 3.09 -10.77
N VAL A 131 -23.53 2.53 -10.89
CA VAL A 131 -22.78 1.98 -9.74
C VAL A 131 -21.73 2.95 -9.18
N ALA A 132 -21.82 3.20 -7.88
CA ALA A 132 -20.78 3.86 -7.13
C ALA A 132 -19.86 2.82 -6.49
N ARG A 133 -18.60 3.17 -6.21
CA ARG A 133 -17.64 2.20 -5.70
C ARG A 133 -16.63 2.84 -4.74
N ARG A 134 -16.12 2.06 -3.79
CA ARG A 134 -14.95 2.48 -3.05
C ARG A 134 -14.00 1.29 -3.01
N LEU A 135 -12.70 1.57 -3.01
CA LEU A 135 -11.70 0.52 -2.95
C LEU A 135 -10.77 0.73 -1.76
N LEU A 136 -10.59 -0.36 -1.01
CA LEU A 136 -9.73 -0.36 0.14
C LEU A 136 -8.74 -1.50 -0.02
N HIS A 137 -7.55 -1.27 0.54
CA HIS A 137 -6.43 -2.20 0.54
C HIS A 137 -6.23 -2.74 1.96
N CYS A 138 -5.85 -4.04 2.10
CA CYS A 138 -5.56 -4.55 3.43
C CYS A 138 -4.57 -5.74 3.48
N ARG A 139 -3.97 -6.13 2.36
CA ARG A 139 -2.89 -7.09 2.45
C ARG A 139 -1.78 -6.53 3.36
N ASP A 140 -1.54 -5.22 3.25
CA ASP A 140 -0.41 -4.63 3.94
C ASP A 140 -0.65 -4.54 5.44
N LEU A 141 -1.89 -4.75 5.89
CA LEU A 141 -2.19 -4.77 7.31
C LEU A 141 -2.11 -6.18 7.86
N GLY A 142 -1.97 -7.20 7.01
CA GLY A 142 -1.95 -8.58 7.46
C GLY A 142 -3.34 -9.19 7.64
N GLU A 143 -4.35 -8.66 6.97
CA GLU A 143 -5.69 -9.20 7.01
C GLU A 143 -5.74 -10.50 6.20
N GLU A 144 -6.84 -11.24 6.37
CA GLU A 144 -7.03 -12.49 5.66
C GLU A 144 -7.40 -12.21 4.21
N PHE A 145 -7.95 -11.02 3.95
CA PHE A 145 -8.18 -10.59 2.59
C PHE A 145 -7.15 -9.55 2.19
N ASP A 146 -7.00 -9.39 0.88
CA ASP A 146 -6.14 -8.38 0.28
C ASP A 146 -6.91 -7.09 0.02
N PHE A 147 -8.22 -7.18 -0.31
CA PHE A 147 -8.98 -5.98 -0.66
C PHE A 147 -10.40 -6.06 -0.15
N LEU A 148 -10.96 -4.91 0.18
CA LEU A 148 -12.40 -4.75 0.37
C LEU A 148 -12.92 -3.83 -0.73
N THR A 149 -13.91 -4.31 -1.46
CA THR A 149 -14.49 -3.49 -2.51
C THR A 149 -15.92 -3.20 -2.08
N TRP A 150 -16.39 -2.03 -2.47
CA TRP A 150 -17.67 -1.51 -2.00
C TRP A 150 -18.38 -0.92 -3.21
N PHE A 151 -19.63 -1.32 -3.40
CA PHE A 151 -20.47 -0.90 -4.52
C PHE A 151 -21.85 -0.57 -4.01
N GLU A 152 -22.42 0.54 -4.50
CA GLU A 152 -23.77 0.90 -4.10
C GLU A 152 -24.51 1.47 -5.29
N PHE A 153 -25.81 1.20 -5.32
CA PHE A 153 -26.63 1.52 -6.46
C PHE A 153 -28.11 1.40 -6.10
N ALA A 154 -28.93 2.03 -6.94
CA ALA A 154 -30.36 1.88 -6.91
C ALA A 154 -30.76 0.49 -7.41
N PRO A 155 -31.94 -0.03 -7.00
CA PRO A 155 -32.41 -1.36 -7.41
C PRO A 155 -32.54 -1.56 -8.92
N GLU A 156 -33.01 -0.53 -9.63
CA GLU A 156 -33.02 -0.58 -11.08
C GLU A 156 -31.69 -1.11 -11.62
N HIS A 157 -30.58 -0.97 -10.88
CA HIS A 157 -29.27 -1.35 -11.43
C HIS A 157 -28.78 -2.72 -10.95
N SER A 158 -29.58 -3.44 -10.16
CA SER A 158 -29.16 -4.72 -9.60
C SER A 158 -28.79 -5.75 -10.65
N SER A 159 -29.67 -5.93 -11.65
N SER A 159 -29.69 -5.93 -11.64
CA SER A 159 -29.43 -6.94 -12.67
CA SER A 159 -29.45 -6.91 -12.68
C SER A 159 -28.14 -6.63 -13.42
C SER A 159 -28.12 -6.62 -13.37
N ALA A 160 -27.91 -5.35 -13.76
CA ALA A 160 -26.65 -4.91 -14.38
C ALA A 160 -25.45 -5.26 -13.50
N PHE A 161 -25.49 -4.88 -12.21
CA PHE A 161 -24.40 -5.19 -11.31
C PHE A 161 -24.08 -6.69 -11.36
N ASN A 162 -25.12 -7.54 -11.33
CA ASN A 162 -24.94 -8.98 -11.45
C ASN A 162 -24.24 -9.35 -12.75
N GLU A 163 -24.64 -8.71 -13.86
N GLU A 163 -24.61 -8.72 -13.88
CA GLU A 163 -23.96 -8.87 -15.14
CA GLU A 163 -23.91 -8.96 -15.12
C GLU A 163 -22.47 -8.59 -14.96
C GLU A 163 -22.44 -8.60 -14.97
N LEU A 164 -22.16 -7.41 -14.40
CA LEU A 164 -20.76 -7.01 -14.21
C LEU A 164 -19.96 -8.05 -13.42
N LEU A 165 -20.49 -8.60 -12.32
CA LEU A 165 -19.76 -9.58 -11.53
C LEU A 165 -19.34 -10.76 -12.37
N LEU A 166 -20.24 -11.24 -13.24
CA LEU A 166 -19.99 -12.45 -14.01
C LEU A 166 -18.97 -12.14 -15.11
N ARG A 167 -18.95 -10.91 -15.61
CA ARG A 167 -17.94 -10.58 -16.60
C ARG A 167 -16.54 -10.57 -15.97
N MET A 168 -16.41 -9.93 -14.80
CA MET A 168 -15.11 -9.78 -14.16
C MET A 168 -14.54 -11.17 -13.88
N ARG A 169 -15.41 -12.07 -13.39
CA ARG A 169 -15.00 -13.40 -12.96
C ARG A 169 -14.63 -14.32 -14.12
N ALA A 170 -14.96 -13.93 -15.35
CA ALA A 170 -14.49 -14.65 -16.52
C ALA A 170 -13.17 -14.08 -17.01
N SER A 171 -12.63 -13.06 -16.35
CA SER A 171 -11.47 -12.39 -16.89
C SER A 171 -10.23 -13.17 -16.48
N LYS A 172 -9.12 -12.89 -17.18
CA LYS A 172 -7.80 -13.42 -16.89
C LYS A 172 -7.37 -13.00 -15.48
N GLU A 173 -7.62 -11.73 -15.11
CA GLU A 173 -7.37 -11.26 -13.76
C GLU A 173 -7.90 -12.25 -12.72
N TRP A 174 -9.13 -12.75 -12.92
CA TRP A 174 -9.81 -13.50 -11.86
C TRP A 174 -9.26 -14.90 -11.67
N GLU A 175 -8.31 -15.32 -12.51
CA GLU A 175 -7.64 -16.59 -12.33
C GLU A 175 -6.71 -16.51 -11.12
N TYR A 176 -6.37 -15.29 -10.71
CA TYR A 176 -5.44 -15.10 -9.62
C TYR A 176 -6.17 -14.90 -8.29
N VAL A 177 -7.50 -14.86 -8.35
CA VAL A 177 -8.33 -14.64 -7.17
C VAL A 177 -8.54 -15.96 -6.44
N GLU A 178 -8.06 -16.06 -5.20
CA GLU A 178 -8.18 -17.33 -4.49
C GLU A 178 -9.17 -17.26 -3.33
N ARG A 179 -9.89 -16.14 -3.16
CA ARG A 179 -10.88 -16.05 -2.07
C ARG A 179 -11.81 -14.87 -2.33
N GLU A 180 -13.11 -15.12 -2.24
CA GLU A 180 -14.09 -14.10 -2.60
C GLU A 180 -15.40 -14.38 -1.86
N VAL A 181 -16.01 -13.30 -1.35
CA VAL A 181 -17.29 -13.32 -0.68
C VAL A 181 -18.05 -12.07 -1.12
N GLU A 182 -19.35 -12.22 -1.42
CA GLU A 182 -20.22 -11.08 -1.66
C GLU A 182 -21.12 -10.89 -0.45
N VAL A 183 -21.08 -9.72 0.20
CA VAL A 183 -22.07 -9.40 1.22
C VAL A 183 -23.05 -8.33 0.69
N TRP A 184 -24.29 -8.75 0.42
CA TRP A 184 -25.32 -7.87 -0.11
C TRP A 184 -26.05 -7.14 1.01
N LEU A 185 -26.29 -5.84 0.81
CA LEU A 185 -26.83 -5.00 1.87
C LEU A 185 -27.96 -4.12 1.37
N LYS A 186 -28.68 -3.56 2.33
CA LYS A 186 -29.79 -2.64 2.13
C LYS A 186 -29.65 -1.56 3.19
N ARG A 187 -29.77 -0.29 2.79
CA ARG A 187 -29.54 0.83 3.70
C ARG A 187 -30.71 0.93 4.64
N LEU A 188 -30.44 1.17 5.93
CA LEU A 188 -31.45 1.36 6.96
C LEU A 188 -31.70 2.86 7.20
N ASN B 8 5.96 -11.44 9.82
CA ASN B 8 5.48 -10.05 10.01
C ASN B 8 6.14 -9.13 8.96
N ASN B 9 5.33 -8.32 8.30
CA ASN B 9 5.85 -7.40 7.28
C ASN B 9 6.18 -6.05 7.91
N ARG B 10 5.77 -5.82 9.17
CA ARG B 10 5.92 -4.53 9.86
C ARG B 10 7.26 -4.43 10.56
N TYR B 11 7.89 -3.25 10.45
CA TYR B 11 9.15 -2.96 11.13
C TYR B 11 9.05 -1.64 11.89
N SER B 12 9.62 -1.60 13.09
CA SER B 12 9.66 -0.38 13.90
C SER B 12 11.11 0.00 14.15
N PHE B 13 11.35 1.32 14.23
CA PHE B 13 12.67 1.86 14.55
C PHE B 13 12.53 2.87 15.69
N ILE B 14 13.19 2.58 16.81
CA ILE B 14 13.04 3.39 18.02
C ILE B 14 14.36 4.11 18.28
N GLY B 15 14.38 5.45 18.15
CA GLY B 15 15.51 6.22 18.64
C GLY B 15 15.46 6.41 20.16
N GLY B 16 16.55 6.05 20.85
CA GLY B 16 16.68 6.24 22.28
C GLY B 16 18.02 5.70 22.78
N ARG B 17 18.02 5.09 23.97
CA ARG B 17 19.27 4.75 24.64
C ARG B 17 19.68 3.29 24.44
N THR B 18 18.87 2.47 23.78
CA THR B 18 19.26 1.09 23.54
C THR B 18 18.93 0.67 22.12
N GLY B 19 19.60 -0.37 21.65
CA GLY B 19 19.35 -0.93 20.33
C GLY B 19 20.56 -1.67 19.79
N GLN B 20 20.41 -2.25 18.61
CA GLN B 20 21.48 -2.96 17.94
C GLN B 20 22.37 -1.99 17.15
N TRP B 21 21.98 -0.71 17.06
CA TRP B 21 22.76 0.22 16.25
C TRP B 21 23.11 1.50 17.01
N GLN B 22 24.32 1.99 16.73
CA GLN B 22 24.81 3.23 17.28
C GLN B 22 24.62 4.37 16.30
N VAL B 23 24.11 5.50 16.78
CA VAL B 23 23.94 6.64 15.90
C VAL B 23 25.30 7.31 15.72
N VAL B 24 25.74 7.45 14.47
CA VAL B 24 27.00 8.13 14.17
C VAL B 24 26.71 9.62 14.01
N LYS B 25 25.72 9.96 13.17
CA LYS B 25 25.21 11.32 13.11
C LYS B 25 23.80 11.30 12.53
N ILE B 26 23.14 12.44 12.61
CA ILE B 26 21.87 12.66 11.94
C ILE B 26 21.99 13.93 11.13
N ARG B 27 21.64 13.88 9.85
CA ARG B 27 21.58 15.07 9.03
C ARG B 27 20.14 15.39 8.67
N ASN B 28 19.68 16.60 9.07
CA ASN B 28 18.30 16.99 8.88
C ASN B 28 18.17 17.72 7.55
N VAL B 29 18.15 16.94 6.47
CA VAL B 29 18.31 17.41 5.11
C VAL B 29 17.19 18.36 4.71
N LEU B 30 15.94 17.96 4.91
CA LEU B 30 14.80 18.75 4.46
C LEU B 30 13.64 18.54 5.42
N GLY B 31 12.93 19.63 5.72
CA GLY B 31 11.82 19.59 6.66
C GLY B 31 12.25 19.52 8.13
N PRO B 32 11.32 19.33 9.07
CA PRO B 32 11.65 19.12 10.47
C PRO B 32 12.50 17.87 10.66
N GLY B 33 13.48 17.94 11.57
CA GLY B 33 14.46 16.89 11.71
C GLY B 33 13.99 15.84 12.70
N LEU B 34 14.89 14.92 13.05
CA LEU B 34 14.70 14.02 14.18
C LEU B 34 15.77 14.31 15.22
N GLN B 35 15.36 14.25 16.50
CA GLN B 35 16.23 14.41 17.65
C GLN B 35 17.37 13.39 17.58
N LEU B 36 18.59 13.87 17.80
CA LEU B 36 19.76 13.03 18.03
C LEU B 36 19.56 12.16 19.28
N VAL B 37 19.92 10.88 19.15
CA VAL B 37 19.79 9.84 20.16
C VAL B 37 21.07 9.01 20.12
N GLU B 38 21.27 8.08 21.05
CA GLU B 38 22.52 7.35 21.08
C GLU B 38 22.44 6.15 20.15
N LYS B 39 21.25 5.57 20.03
CA LYS B 39 21.06 4.26 19.45
C LYS B 39 19.70 4.19 18.77
N VAL B 40 19.59 3.32 17.77
CA VAL B 40 18.30 3.00 17.20
C VAL B 40 18.05 1.52 17.47
N ASN B 41 16.87 1.21 18.01
CA ASN B 41 16.45 -0.16 18.23
C ASN B 41 15.45 -0.53 17.13
N ILE B 42 15.76 -1.61 16.36
CA ILE B 42 14.92 -2.07 15.25
C ILE B 42 14.16 -3.35 15.63
N LEU B 43 12.86 -3.37 15.35
CA LEU B 43 11.98 -4.45 15.78
C LEU B 43 11.11 -4.89 14.61
N ASN B 44 10.91 -6.20 14.48
CA ASN B 44 10.04 -6.74 13.45
C ASN B 44 8.65 -6.95 14.04
N GLY B 45 7.87 -5.86 14.14
CA GLY B 45 6.52 -5.85 14.68
C GLY B 45 6.06 -4.41 14.93
N ALA B 46 4.76 -4.23 15.21
CA ALA B 46 4.25 -2.94 15.64
C ALA B 46 4.57 -2.73 17.12
N VAL B 47 4.87 -1.49 17.50
CA VAL B 47 5.14 -1.14 18.88
C VAL B 47 4.24 0.04 19.23
N ALA B 48 3.22 -0.22 20.04
CA ALA B 48 2.31 0.80 20.52
C ALA B 48 2.92 1.54 21.70
N GLU B 49 3.62 0.82 22.58
CA GLU B 49 4.09 1.32 23.86
C GLU B 49 5.47 1.97 23.69
N ILE B 50 5.47 3.30 23.51
CA ILE B 50 6.66 4.11 23.32
C ILE B 50 7.69 3.81 24.42
N PRO B 51 8.83 3.12 24.13
CA PRO B 51 9.82 2.77 25.15
C PRO B 51 10.36 3.95 25.95
N LEU B 52 10.90 3.65 27.14
CA LEU B 52 11.30 4.68 28.08
C LEU B 52 12.68 5.21 27.69
N ASP B 53 12.86 6.53 27.81
CA ASP B 53 14.07 7.20 27.35
C ASP B 53 14.22 7.08 25.84
N SER B 54 13.10 7.12 25.10
CA SER B 54 13.14 7.02 23.66
C SER B 54 12.56 8.31 23.09
N ALA B 55 13.19 8.86 22.06
CA ALA B 55 12.78 10.16 21.54
C ALA B 55 11.76 10.03 20.40
N TRP B 56 11.87 9.00 19.54
CA TRP B 56 10.96 8.88 18.41
C TRP B 56 10.81 7.42 17.95
N ARG B 57 9.66 7.14 17.35
CA ARG B 57 9.37 5.84 16.74
C ARG B 57 9.02 6.07 15.27
N LEU B 58 9.71 5.37 14.37
CA LEU B 58 9.29 5.28 12.98
C LEU B 58 8.78 3.87 12.73
N GLN B 59 7.78 3.71 11.87
CA GLN B 59 7.42 2.37 11.45
C GLN B 59 6.95 2.32 10.00
N GLY B 60 6.89 1.10 9.48
CA GLY B 60 6.49 0.87 8.11
C GLY B 60 6.42 -0.61 7.80
N PHE B 61 5.92 -0.92 6.61
CA PHE B 61 5.72 -2.31 6.22
C PHE B 61 6.40 -2.58 4.89
N ALA B 62 6.83 -3.83 4.75
CA ALA B 62 7.32 -4.36 3.48
C ALA B 62 6.11 -4.66 2.61
N SER B 63 6.15 -4.29 1.33
CA SER B 63 5.00 -4.41 0.46
C SER B 63 5.43 -4.88 -0.93
N ASN B 64 4.48 -4.94 -1.86
CA ASN B 64 4.71 -5.36 -3.22
C ASN B 64 5.40 -4.26 -4.03
N ILE B 65 5.86 -4.63 -5.23
CA ILE B 65 6.50 -3.74 -6.19
C ILE B 65 5.46 -2.78 -6.78
N ARG B 66 5.82 -1.50 -6.90
CA ARG B 66 4.91 -0.48 -7.38
C ARG B 66 5.31 0.10 -8.74
N TYR B 67 6.58 -0.01 -9.14
CA TYR B 67 7.04 0.63 -10.37
C TYR B 67 7.88 -0.32 -11.26
N ALA B 68 8.74 -1.09 -10.62
CA ALA B 68 9.74 -1.85 -11.35
C ALA B 68 9.09 -2.85 -12.29
N ILE B 69 9.62 -2.98 -13.52
CA ILE B 69 9.16 -3.96 -14.49
C ILE B 69 10.03 -5.22 -14.41
N ARG B 70 9.65 -6.28 -15.14
CA ARG B 70 10.27 -7.60 -14.97
C ARG B 70 11.78 -7.55 -15.23
N THR B 71 12.20 -6.82 -16.29
CA THR B 71 13.61 -6.81 -16.68
C THR B 71 14.46 -6.09 -15.63
N GLU B 72 13.91 -5.01 -15.09
CA GLU B 72 14.53 -4.30 -13.99
C GLU B 72 14.65 -5.25 -12.80
N LEU B 73 13.58 -5.99 -12.48
CA LEU B 73 13.63 -6.91 -11.36
C LEU B 73 14.75 -7.93 -11.60
N GLU B 74 14.82 -8.47 -12.82
CA GLU B 74 15.83 -9.48 -13.14
C GLU B 74 17.24 -8.89 -12.98
N ALA B 75 17.42 -7.66 -13.48
CA ALA B 75 18.71 -7.01 -13.37
C ALA B 75 19.09 -6.84 -11.90
N LEU B 76 18.11 -6.49 -11.06
CA LEU B 76 18.38 -6.26 -9.64
C LEU B 76 18.80 -7.56 -8.97
N GLN B 77 18.05 -8.64 -9.26
CA GLN B 77 18.24 -9.91 -8.58
C GLN B 77 19.61 -10.47 -8.92
N ALA B 78 20.14 -10.14 -10.09
CA ALA B 78 21.42 -10.66 -10.53
C ALA B 78 22.59 -10.08 -9.72
N VAL B 79 22.45 -8.92 -9.08
CA VAL B 79 23.60 -8.27 -8.44
C VAL B 79 23.32 -7.84 -7.00
N GLN B 80 22.06 -7.67 -6.59
CA GLN B 80 21.84 -7.08 -5.28
C GLN B 80 22.35 -8.00 -4.15
N PRO B 81 22.95 -7.44 -3.09
CA PRO B 81 23.34 -8.23 -1.94
C PRO B 81 22.21 -8.47 -0.95
N MET B 82 22.36 -9.48 -0.10
CA MET B 82 21.50 -9.66 1.06
C MET B 82 21.89 -8.68 2.16
N LEU B 83 20.92 -8.47 3.05
CA LEU B 83 21.11 -7.74 4.30
C LEU B 83 21.93 -8.63 5.22
N ASN B 84 22.59 -8.03 6.22
CA ASN B 84 23.26 -8.75 7.28
C ASN B 84 24.55 -9.44 6.84
N ARG B 85 25.16 -8.99 5.74
CA ARG B 85 26.52 -9.38 5.41
C ARG B 85 27.39 -9.05 6.64
N ALA B 86 28.42 -9.86 6.91
CA ALA B 86 29.28 -9.60 8.05
C ALA B 86 30.04 -8.29 7.90
N GLU B 87 30.34 -7.89 6.64
CA GLU B 87 31.11 -6.69 6.34
C GLU B 87 30.27 -5.40 6.46
N ALA B 88 28.94 -5.49 6.44
CA ALA B 88 28.09 -4.30 6.28
C ALA B 88 27.79 -3.66 7.64
N ILE B 89 28.82 -2.99 8.18
CA ILE B 89 28.81 -2.54 9.57
C ILE B 89 28.28 -1.12 9.64
N LEU B 90 28.19 -0.44 8.48
CA LEU B 90 27.56 0.87 8.43
C LEU B 90 26.14 0.71 7.87
N ALA B 91 25.23 1.51 8.39
CA ALA B 91 23.90 1.60 7.81
C ALA B 91 23.41 3.06 7.79
N VAL B 92 22.40 3.33 6.94
CA VAL B 92 21.76 4.63 6.93
C VAL B 92 20.25 4.44 6.81
N LEU B 93 19.51 5.04 7.74
CA LEU B 93 18.05 5.05 7.66
C LEU B 93 17.62 6.40 7.09
N ILE B 94 16.81 6.41 6.04
CA ILE B 94 16.42 7.67 5.43
C ILE B 94 14.91 7.68 5.23
N PRO B 95 14.18 8.30 6.18
CA PRO B 95 12.78 8.69 5.97
C PRO B 95 12.55 9.75 4.90
N ILE B 96 11.47 9.59 4.14
CA ILE B 96 11.13 10.45 3.03
C ILE B 96 9.62 10.64 3.01
N LYS B 97 9.20 11.88 2.80
CA LYS B 97 7.82 12.21 2.50
C LYS B 97 7.78 12.91 1.16
N LYS B 98 6.82 12.50 0.33
CA LYS B 98 6.58 13.15 -0.95
C LYS B 98 5.31 14.00 -0.87
N SER B 99 5.19 14.94 -1.82
CA SER B 99 4.15 15.96 -1.79
C SER B 99 2.80 15.41 -2.24
N ALA B 100 1.73 16.11 -1.87
CA ALA B 100 0.37 15.78 -2.26
C ALA B 100 0.23 15.75 -3.78
N GLN B 101 0.98 16.63 -4.44
CA GLN B 101 0.92 16.72 -5.87
C GLN B 101 1.45 15.43 -6.51
N TRP B 102 2.42 14.77 -5.85
CA TRP B 102 2.92 13.48 -6.31
C TRP B 102 1.85 12.40 -6.14
N TRP B 103 1.16 12.37 -4.99
CA TRP B 103 0.25 11.27 -4.69
C TRP B 103 -1.01 11.33 -5.54
N GLU B 104 -1.40 12.52 -6.00
CA GLU B 104 -2.60 12.67 -6.80
C GLU B 104 -2.31 12.35 -8.27
N MET B 105 -1.04 12.21 -8.64
CA MET B 105 -0.70 11.85 -10.01
C MET B 105 -1.08 10.39 -10.28
N ALA B 106 -1.40 10.15 -11.54
CA ALA B 106 -1.74 8.83 -12.01
C ALA B 106 -0.50 7.95 -12.02
N GLN B 107 -0.68 6.67 -12.40
CA GLN B 107 0.38 5.70 -12.24
C GLN B 107 1.41 5.77 -13.37
N ASP B 108 0.98 6.10 -14.61
CA ASP B 108 1.92 6.34 -15.71
C ASP B 108 2.77 7.58 -15.42
N GLU B 109 2.14 8.67 -14.94
CA GLU B 109 2.83 9.90 -14.60
C GLU B 109 3.97 9.62 -13.64
N ARG B 110 3.64 8.93 -12.54
CA ARG B 110 4.61 8.67 -11.50
C ARG B 110 5.72 7.75 -12.05
N ARG B 111 5.33 6.70 -12.77
CA ARG B 111 6.31 5.82 -13.39
C ARG B 111 7.26 6.60 -14.30
N ASP B 112 6.70 7.50 -15.11
CA ASP B 112 7.49 8.29 -16.03
C ASP B 112 8.52 9.13 -15.30
N ILE B 113 8.15 9.77 -14.20
CA ILE B 113 9.07 10.57 -13.41
C ILE B 113 10.10 9.68 -12.70
N PHE B 114 9.69 8.49 -12.25
CA PHE B 114 10.56 7.65 -11.44
C PHE B 114 11.71 7.08 -12.30
N GLU B 115 11.42 6.54 -13.49
CA GLU B 115 12.46 5.86 -14.26
C GLU B 115 12.78 6.66 -15.51
N ARG B 116 11.77 6.94 -16.35
CA ARG B 116 12.03 7.56 -17.64
C ARG B 116 12.82 8.84 -17.43
N GLU B 117 12.44 9.67 -16.44
CA GLU B 117 13.07 10.96 -16.23
C GLU B 117 14.19 10.88 -15.21
N SER B 118 14.01 10.12 -14.13
CA SER B 118 14.95 10.17 -13.01
C SER B 118 15.90 8.98 -13.00
N HIS B 119 15.63 7.94 -13.80
CA HIS B 119 16.53 6.80 -13.89
C HIS B 119 16.85 6.22 -12.52
N HIS B 120 15.87 6.18 -11.62
CA HIS B 120 16.08 5.73 -10.25
C HIS B 120 16.76 4.35 -10.23
N THR B 121 16.20 3.40 -10.98
CA THR B 121 16.70 2.04 -10.94
C THR B 121 18.06 1.94 -11.63
N ALA B 122 18.20 2.58 -12.79
CA ALA B 122 19.46 2.52 -13.51
C ALA B 122 20.59 3.15 -12.68
N VAL B 123 20.30 4.24 -11.97
CA VAL B 123 21.32 4.91 -11.18
C VAL B 123 21.66 4.07 -9.95
N GLY B 124 20.66 3.48 -9.32
CA GLY B 124 20.88 2.71 -8.10
C GLY B 124 21.72 1.46 -8.37
N LEU B 125 21.54 0.90 -9.58
CA LEU B 125 22.21 -0.32 -9.98
C LEU B 125 23.73 -0.14 -10.04
N GLU B 126 24.19 1.08 -10.30
CA GLU B 126 25.60 1.38 -10.33
C GLU B 126 26.20 1.23 -8.92
N TYR B 127 25.40 1.27 -7.84
CA TYR B 127 25.97 1.22 -6.50
C TYR B 127 25.84 -0.19 -5.90
N LEU B 128 25.39 -1.16 -6.69
CA LEU B 128 25.35 -2.56 -6.29
C LEU B 128 26.53 -3.35 -6.88
N PRO B 129 27.16 -4.34 -6.20
CA PRO B 129 26.66 -4.91 -4.94
C PRO B 129 27.13 -4.33 -3.61
N GLY B 130 27.98 -3.31 -3.66
CA GLY B 130 28.39 -2.63 -2.44
C GLY B 130 27.22 -2.35 -1.46
N VAL B 131 26.11 -1.80 -1.98
CA VAL B 131 25.00 -1.32 -1.15
C VAL B 131 23.83 -2.32 -1.09
N ALA B 132 23.42 -2.67 0.14
CA ALA B 132 22.21 -3.44 0.42
C ALA B 132 21.10 -2.50 0.88
N ARG B 133 19.84 -2.85 0.61
CA ARG B 133 18.78 -1.87 0.81
C ARG B 133 17.49 -2.57 1.24
N ARG B 134 16.62 -1.87 1.97
CA ARG B 134 15.26 -2.34 2.17
C ARG B 134 14.32 -1.14 2.08
N LEU B 135 13.13 -1.36 1.55
CA LEU B 135 12.16 -0.30 1.36
C LEU B 135 10.91 -0.65 2.15
N LEU B 136 10.53 0.26 3.04
CA LEU B 136 9.31 0.18 3.81
C LEU B 136 8.41 1.33 3.41
N HIS B 137 7.10 1.09 3.46
CA HIS B 137 6.06 2.07 3.15
C HIS B 137 5.34 2.48 4.43
N CYS B 138 4.97 3.77 4.60
CA CYS B 138 4.24 4.14 5.80
C CYS B 138 3.18 5.22 5.59
N ARG B 139 2.99 5.73 4.37
CA ARG B 139 1.96 6.75 4.19
C ARG B 139 0.62 6.14 4.59
N ASP B 140 0.41 4.89 4.20
CA ASP B 140 -0.89 4.30 4.38
C ASP B 140 -1.16 4.07 5.87
N LEU B 141 -0.20 4.25 6.77
CA LEU B 141 -0.40 4.00 8.19
C LEU B 141 -0.69 5.29 8.95
N GLY B 142 -0.61 6.44 8.30
CA GLY B 142 -0.90 7.71 8.94
C GLY B 142 0.36 8.36 9.53
N GLU B 143 1.55 7.82 9.20
CA GLU B 143 2.82 8.30 9.71
C GLU B 143 3.16 9.66 9.11
N GLU B 144 4.14 10.35 9.72
CA GLU B 144 4.55 11.65 9.26
C GLU B 144 5.37 11.54 8.00
N PHE B 145 6.01 10.40 7.80
CA PHE B 145 6.75 10.17 6.57
C PHE B 145 6.01 9.14 5.72
N ASP B 146 6.37 9.11 4.44
CA ASP B 146 5.75 8.22 3.47
C ASP B 146 6.56 6.93 3.34
N PHE B 147 7.89 7.00 3.54
CA PHE B 147 8.77 5.84 3.36
C PHE B 147 9.89 5.82 4.40
N LEU B 148 10.30 4.60 4.75
CA LEU B 148 11.56 4.37 5.44
C LEU B 148 12.48 3.60 4.48
N THR B 149 13.61 4.20 4.14
CA THR B 149 14.62 3.56 3.32
C THR B 149 15.77 3.17 4.24
N TRP B 150 16.36 2.01 3.97
CA TRP B 150 17.43 1.42 4.76
C TRP B 150 18.55 0.97 3.83
N PHE B 151 19.78 1.32 4.20
CA PHE B 151 20.95 0.97 3.43
C PHE B 151 22.05 0.51 4.35
N GLU B 152 22.80 -0.51 3.94
CA GLU B 152 23.92 -0.97 4.73
C GLU B 152 25.02 -1.45 3.79
N PHE B 153 26.25 -1.23 4.21
CA PHE B 153 27.42 -1.42 3.39
C PHE B 153 28.67 -1.37 4.28
N ALA B 154 29.76 -1.91 3.75
CA ALA B 154 31.04 -1.82 4.42
C ALA B 154 31.62 -0.42 4.23
N PRO B 155 32.50 0.05 5.14
CA PRO B 155 33.02 1.42 5.12
C PRO B 155 33.67 1.87 3.82
N GLU B 156 34.28 0.94 3.09
N GLU B 156 34.32 0.95 3.11
CA GLU B 156 34.92 1.24 1.82
CA GLU B 156 34.92 1.27 1.83
C GLU B 156 33.93 1.84 0.82
C GLU B 156 33.92 2.06 0.98
N HIS B 157 32.62 1.75 1.11
CA HIS B 157 31.60 2.23 0.17
C HIS B 157 30.93 3.55 0.61
N SER B 158 31.35 4.13 1.73
CA SER B 158 30.72 5.32 2.26
C SER B 158 30.75 6.50 1.29
N SER B 159 31.89 6.63 0.60
CA SER B 159 32.09 7.70 -0.37
C SER B 159 31.07 7.60 -1.50
N ALA B 160 31.03 6.42 -2.11
CA ALA B 160 30.11 6.11 -3.19
C ALA B 160 28.67 6.35 -2.75
N PHE B 161 28.33 5.91 -1.52
CA PHE B 161 26.97 6.07 -1.05
C PHE B 161 26.61 7.55 -0.98
N ASN B 162 27.56 8.38 -0.51
CA ASN B 162 27.33 9.83 -0.43
C ASN B 162 27.12 10.40 -1.83
N GLU B 163 27.87 9.87 -2.77
CA GLU B 163 27.72 10.27 -4.15
C GLU B 163 26.32 9.89 -4.65
N LEU B 164 25.86 8.69 -4.34
CA LEU B 164 24.50 8.30 -4.75
C LEU B 164 23.45 9.27 -4.23
N LEU B 165 23.54 9.70 -2.95
CA LEU B 165 22.56 10.58 -2.33
C LEU B 165 22.44 11.89 -3.13
N LEU B 166 23.58 12.46 -3.52
CA LEU B 166 23.60 13.75 -4.19
C LEU B 166 23.01 13.62 -5.60
N ARG B 167 23.13 12.44 -6.21
CA ARG B 167 22.56 12.21 -7.53
C ARG B 167 21.05 12.10 -7.46
N MET B 168 20.55 11.30 -6.52
CA MET B 168 19.11 11.13 -6.36
C MET B 168 18.46 12.50 -6.11
N ARG B 169 19.11 13.31 -5.24
CA ARG B 169 18.58 14.61 -4.88
C ARG B 169 18.63 15.60 -6.04
N ALA B 170 19.36 15.29 -7.11
CA ALA B 170 19.37 16.14 -8.28
C ALA B 170 18.33 15.71 -9.31
N SER B 171 17.60 14.62 -9.06
CA SER B 171 16.69 14.10 -10.05
C SER B 171 15.37 14.89 -10.07
N LYS B 172 14.59 14.68 -11.12
CA LYS B 172 13.24 15.23 -11.21
C LYS B 172 12.36 14.68 -10.08
N GLU B 173 12.56 13.41 -9.71
CA GLU B 173 11.82 12.79 -8.64
C GLU B 173 11.96 13.56 -7.34
N TRP B 174 13.17 14.07 -7.03
CA TRP B 174 13.38 14.70 -5.75
C TRP B 174 12.67 16.04 -5.63
N GLU B 175 12.14 16.57 -6.74
CA GLU B 175 11.41 17.83 -6.68
C GLU B 175 10.11 17.67 -5.90
N TYR B 176 9.61 16.43 -5.81
CA TYR B 176 8.37 16.15 -5.10
C TYR B 176 8.64 15.79 -3.64
N VAL B 177 9.91 15.69 -3.24
CA VAL B 177 10.25 15.28 -1.90
C VAL B 177 10.16 16.48 -0.98
N GLU B 178 9.30 16.43 0.05
CA GLU B 178 9.18 17.57 0.96
C GLU B 178 9.75 17.29 2.35
N ARG B 179 10.31 16.10 2.63
CA ARG B 179 10.85 15.83 3.95
C ARG B 179 11.83 14.66 3.89
N GLU B 180 13.04 14.87 4.44
CA GLU B 180 14.14 13.93 4.32
C GLU B 180 15.04 14.05 5.54
N VAL B 181 15.37 12.93 6.18
CA VAL B 181 16.38 12.91 7.22
C VAL B 181 17.36 11.77 6.94
N GLU B 182 18.65 11.99 7.20
CA GLU B 182 19.61 10.89 7.13
C GLU B 182 19.98 10.47 8.55
N VAL B 183 19.69 9.23 8.95
CA VAL B 183 20.23 8.71 10.22
C VAL B 183 21.39 7.75 9.93
N TRP B 184 22.64 8.16 10.20
CA TRP B 184 23.78 7.27 9.97
C TRP B 184 24.05 6.39 11.18
N LEU B 185 24.29 5.09 10.94
CA LEU B 185 24.39 4.11 12.01
C LEU B 185 25.61 3.20 11.86
N LYS B 186 26.02 2.62 13.00
CA LYS B 186 27.12 1.65 13.07
C LYS B 186 26.68 0.45 13.91
N ARG B 187 26.76 -0.74 13.32
CA ARG B 187 26.26 -1.96 13.95
C ARG B 187 27.06 -2.23 15.22
N LEU B 188 26.37 -2.60 16.32
CA LEU B 188 26.98 -2.81 17.63
C LEU B 188 27.38 -4.28 17.82
CHA HEM C . -9.20 -1.87 -8.93
CHB HEM C . -12.44 0.44 -11.60
CHC HEM C . -15.78 -2.82 -10.49
CHD HEM C . -12.44 -5.30 -8.07
C1A HEM C . -9.81 -0.99 -9.80
C2A HEM C . -9.12 0.06 -10.43
C3A HEM C . -10.06 0.72 -11.17
C4A HEM C . -11.29 0.06 -10.99
CMA HEM C . -9.80 1.91 -12.06
CAA HEM C . -7.66 0.42 -10.35
CBA HEM C . -7.33 1.24 -9.11
CGA HEM C . -5.87 1.65 -9.06
O1A HEM C . -5.35 1.71 -7.94
O2A HEM C . -5.16 1.93 -10.08
C1B HEM C . -13.63 -0.24 -11.49
C2B HEM C . -14.79 0.26 -12.06
C3B HEM C . -15.75 -0.64 -11.78
C4B HEM C . -15.14 -1.70 -10.98
CMB HEM C . -15.02 1.53 -12.84
CAB HEM C . -17.15 -0.37 -12.11
CBB HEM C . -18.09 -0.82 -11.29
C1C HEM C . -15.17 -3.83 -9.77
C2C HEM C . -15.77 -4.99 -9.23
C3C HEM C . -14.81 -5.66 -8.53
C4C HEM C . -13.62 -4.93 -8.67
CMC HEM C . -17.21 -5.42 -9.34
CAC HEM C . -14.91 -6.92 -7.79
CBC HEM C . -15.98 -7.69 -7.73
C1D HEM C . -11.31 -4.52 -8.10
C2D HEM C . -10.09 -4.87 -7.35
C3D HEM C . -9.19 -3.92 -7.59
C4D HEM C . -9.88 -2.97 -8.45
CMD HEM C . -9.85 -6.09 -6.48
CAD HEM C . -7.81 -3.85 -7.05
CBD HEM C . -6.85 -4.59 -7.96
CGD HEM C . -5.42 -4.55 -7.45
O1D HEM C . -4.96 -3.50 -6.89
O2D HEM C . -4.73 -5.58 -7.61
NA HEM C . -11.16 -0.97 -10.14
NB HEM C . -13.87 -1.36 -10.85
NC HEM C . -13.88 -3.83 -9.44
ND HEM C . -11.15 -3.36 -8.73
FE HEM C . -12.45 -2.46 -9.82
S SO4 D . -2.11 -0.51 12.83
O1 SO4 D . -1.83 -0.77 11.45
O2 SO4 D . -3.43 0.07 12.97
O3 SO4 D . -2.04 -1.75 13.56
O4 SO4 D . -1.13 0.43 13.35
C1 GOL E . 4.66 -9.56 1.68
O1 GOL E . 3.84 -8.78 2.56
C2 GOL E . 5.45 -8.70 0.72
O2 GOL E . 6.68 -8.37 1.36
C3 GOL E . 5.71 -9.35 -0.62
O3 GOL E . 5.18 -8.59 -1.71
C1 GOL F . -20.50 3.78 3.79
O1 GOL F . -21.52 4.21 2.89
C2 GOL F . -19.12 3.91 3.17
O2 GOL F . -18.27 4.60 4.10
C3 GOL F . -18.52 2.56 2.80
O3 GOL F . -17.43 2.67 1.88
CL CL G . -11.75 4.06 -5.64
CHA HEM H . 11.98 2.73 -4.66
CHB HEM H . 16.00 0.79 -6.32
CHC HEM H . 18.63 3.80 -3.56
CHD HEM H . 14.56 6.00 -2.29
C1A HEM H . 12.89 1.98 -5.35
C2A HEM H . 12.50 1.03 -6.32
C3A HEM H . 13.63 0.47 -6.80
C4A HEM H . 14.71 1.09 -6.10
CMA HEM H . 13.72 -0.59 -7.90
CAA HEM H . 11.10 0.71 -6.79
CBA HEM H . 10.44 -0.34 -5.93
CGA HEM H . 9.06 -0.64 -6.41
O1A HEM H . 8.11 -0.66 -5.58
O2A HEM H . 8.80 -0.86 -7.61
C1B HEM H . 17.03 1.44 -5.68
C2B HEM H . 18.36 1.00 -5.82
C3B HEM H . 19.12 1.81 -5.06
C4B HEM H . 18.21 2.78 -4.42
CMB HEM H . 18.88 -0.15 -6.67
CAB HEM H . 20.57 1.61 -4.86
CBB HEM H . 21.15 1.94 -3.72
C1C HEM H . 17.78 4.72 -2.98
C2C HEM H . 18.15 5.85 -2.21
C3C HEM H . 16.96 6.45 -1.84
C4C HEM H . 15.90 5.71 -2.43
CMC HEM H . 19.55 6.28 -1.85
CAC HEM H . 16.68 7.67 -1.02
CBC HEM H . 17.55 8.38 -0.35
C1D HEM H . 13.55 5.24 -2.83
C2D HEM H . 12.11 5.52 -2.58
C3D HEM H . 11.38 4.60 -3.21
C4D HEM H . 12.38 3.78 -3.87
CMD HEM H . 11.56 6.62 -1.72
CAD HEM H . 9.86 4.52 -3.23
CBD HEM H . 9.31 5.31 -4.43
CGD HEM H . 7.83 5.62 -4.45
O1D HEM H . 6.93 4.78 -4.22
O2D HEM H . 7.48 6.78 -4.78
NA HEM H . 14.27 1.99 -5.21
NB HEM H . 16.99 2.48 -4.85
NC HEM H . 16.46 4.69 -3.13
ND HEM H . 13.66 4.18 -3.62
FE HEM H . 15.30 3.44 -4.26
C1 GOL I . 18.24 -3.96 9.07
O1 GOL I . 18.64 -4.52 10.32
C2 GOL I . 16.77 -3.61 9.07
O2 GOL I . 16.35 -3.12 7.80
C3 GOL I . 15.90 -4.77 9.50
O3 GOL I . 16.65 -5.98 9.51
CL CL J . 13.32 -3.43 -1.43
#